data_1UGH
#
_entry.id   1UGH
#
_cell.length_a   48.320
_cell.length_b   64.690
_cell.length_c   55.340
_cell.angle_alpha   90.00
_cell.angle_beta   113.77
_cell.angle_gamma   90.00
#
_symmetry.space_group_name_H-M   'P 1 21 1'
#
loop_
_entity.id
_entity.type
_entity.pdbx_description
1 polymer 'PROTEIN (URACIL-DNA GLYCOSYLASE)'
2 polymer 'PROTEIN (URACIL-DNA GLYCOSYLASE INHIBITOR)'
3 water water
#
loop_
_entity_poly.entity_id
_entity_poly.type
_entity_poly.pdbx_seq_one_letter_code
_entity_poly.pdbx_strand_id
1 'polypeptide(L)'
;MEFFGESWKKHLSGEFGKPYFIKLMGFVAEERKHYTVYPPPHQVFTWTQMCDIKDVKVVILGQDPYHGPNQAHGLCFSVQ
RPVPPPPSLENIYKELSTDIEDFVHPGHGDLSGWAKQGVLLLNAVLTVRAHQANSHKERGWEQFTDAVVSWLNQNSNGLV
FLLWGSYAQKKGSAIDRKRHHVLQTAHPSPLSVYRGFFGCRHFSKTNELLQKSGKKPIDWKEL
;
E
2 'polypeptide(L)'
;NLSDIIEKETGKQLVIQESILMLPEEVEEVIGNKPESDILVHTAYDESTDENVMLLTSDAPEYKPWALVIQDSNGENKIK
ML
;
I
#
# COMPACT_ATOMS: atom_id res chain seq x y z
N MET A 1 9.20 -20.88 11.50
CA MET A 1 8.18 -19.87 11.09
C MET A 1 7.02 -20.59 10.42
N GLU A 2 5.82 -20.39 10.93
CA GLU A 2 4.64 -21.00 10.34
C GLU A 2 3.91 -19.95 9.49
N PHE A 3 3.10 -20.42 8.54
CA PHE A 3 2.36 -19.54 7.63
C PHE A 3 3.34 -18.75 6.76
N PHE A 4 4.40 -19.43 6.32
CA PHE A 4 5.46 -18.83 5.52
C PHE A 4 5.83 -19.79 4.41
N GLY A 5 5.69 -19.35 3.17
CA GLY A 5 6.01 -20.19 2.01
C GLY A 5 7.42 -20.75 2.12
N GLU A 6 7.55 -22.04 1.86
CA GLU A 6 8.83 -22.73 1.96
C GLU A 6 9.95 -22.24 1.02
N SER A 7 9.65 -21.83 -0.20
CA SER A 7 10.71 -21.33 -1.11
C SER A 7 11.24 -19.97 -0.66
N TRP A 8 10.37 -19.19 -0.03
CA TRP A 8 10.74 -17.88 0.49
C TRP A 8 11.54 -18.13 1.75
N LYS A 9 11.07 -19.09 2.54
CA LYS A 9 11.72 -19.46 3.78
C LYS A 9 13.14 -19.93 3.51
N LYS A 10 13.33 -20.74 2.48
CA LYS A 10 14.65 -21.25 2.14
C LYS A 10 15.63 -20.15 1.76
N HIS A 11 15.12 -18.97 1.49
CA HIS A 11 15.98 -17.86 1.12
C HIS A 11 16.03 -16.71 2.11
N LEU A 12 15.02 -16.60 2.97
CA LEU A 12 14.96 -15.52 3.94
C LEU A 12 15.18 -16.01 5.38
N SER A 13 15.36 -17.32 5.54
CA SER A 13 15.56 -17.89 6.86
C SER A 13 16.63 -17.21 7.72
N GLY A 14 17.66 -16.67 7.08
CA GLY A 14 18.70 -15.99 7.84
C GLY A 14 18.24 -14.77 8.65
N GLU A 15 17.05 -14.26 8.35
CA GLU A 15 16.52 -13.10 9.07
C GLU A 15 15.86 -13.45 10.40
N PHE A 16 15.32 -14.66 10.48
CA PHE A 16 14.61 -15.13 11.66
C PHE A 16 15.43 -15.29 12.95
N GLY A 17 16.74 -15.43 12.82
CA GLY A 17 17.59 -15.61 13.98
C GLY A 17 18.25 -14.35 14.46
N LYS A 18 18.16 -13.29 13.66
CA LYS A 18 18.75 -12.02 14.02
C LYS A 18 17.93 -11.43 15.17
N PRO A 19 18.60 -10.81 16.16
CA PRO A 19 17.93 -10.20 17.31
C PRO A 19 16.80 -9.22 16.98
N TYR A 20 16.99 -8.37 15.96
CA TYR A 20 15.96 -7.40 15.59
C TYR A 20 14.64 -8.11 15.29
N PHE A 21 14.74 -9.30 14.70
CA PHE A 21 13.58 -10.09 14.32
C PHE A 21 12.94 -10.78 15.51
N ILE A 22 13.77 -11.27 16.42
CA ILE A 22 13.27 -11.94 17.62
C ILE A 22 12.52 -10.94 18.48
N LYS A 23 13.05 -9.73 18.57
CA LYS A 23 12.44 -8.66 19.34
C LYS A 23 11.13 -8.24 18.69
N LEU A 24 11.13 -8.17 17.37
CA LEU A 24 9.94 -7.79 16.60
C LEU A 24 8.82 -8.80 16.84
N MET A 25 9.15 -10.08 16.79
CA MET A 25 8.16 -11.12 17.03
C MET A 25 7.64 -11.01 18.46
N GLY A 26 8.54 -10.70 19.40
CA GLY A 26 8.16 -10.58 20.79
C GLY A 26 7.14 -9.49 20.95
N PHE A 27 7.47 -8.32 20.39
CA PHE A 27 6.60 -7.14 20.41
C PHE A 27 5.23 -7.44 19.75
N VAL A 28 5.24 -8.06 18.58
CA VAL A 28 4.00 -8.39 17.90
C VAL A 28 3.15 -9.31 18.77
N ALA A 29 3.73 -10.42 19.22
CA ALA A 29 3.04 -11.39 20.07
C ALA A 29 2.45 -10.72 21.29
N GLU A 30 3.20 -9.77 21.84
CA GLU A 30 2.80 -9.01 23.00
C GLU A 30 1.52 -8.22 22.78
N GLU A 31 1.51 -7.39 21.74
CA GLU A 31 0.35 -6.57 21.42
C GLU A 31 -0.92 -7.37 21.12
N ARG A 32 -0.76 -8.57 20.57
CA ARG A 32 -1.91 -9.40 20.23
C ARG A 32 -2.62 -10.04 21.45
N LYS A 33 -2.53 -9.35 22.59
CA LYS A 33 -3.17 -9.79 23.83
C LYS A 33 -3.98 -8.59 24.31
N HIS A 34 -3.40 -7.39 24.12
CA HIS A 34 -4.00 -6.14 24.60
C HIS A 34 -4.46 -5.14 23.51
N TYR A 35 -4.24 -5.48 22.25
CA TYR A 35 -4.65 -4.66 21.12
C TYR A 35 -5.12 -5.63 20.07
N THR A 36 -6.07 -5.21 19.24
CA THR A 36 -6.54 -6.05 18.14
C THR A 36 -5.49 -5.72 17.07
N VAL A 37 -4.79 -6.73 16.55
CA VAL A 37 -3.78 -6.46 15.54
C VAL A 37 -4.11 -7.11 14.23
N TYR A 38 -3.97 -6.33 13.16
CA TYR A 38 -4.24 -6.77 11.81
C TYR A 38 -2.92 -6.95 11.03
N PRO A 39 -2.81 -8.01 10.20
CA PRO A 39 -3.81 -9.05 9.88
C PRO A 39 -3.65 -10.21 10.84
N PRO A 40 -4.57 -11.19 10.80
CA PRO A 40 -4.49 -12.36 11.67
C PRO A 40 -3.22 -13.15 11.30
N PRO A 41 -2.65 -13.89 12.27
CA PRO A 41 -1.43 -14.71 12.14
C PRO A 41 -1.24 -15.44 10.83
N HIS A 42 -2.26 -16.19 10.43
CA HIS A 42 -2.23 -16.96 9.19
C HIS A 42 -2.25 -16.13 7.91
N GLN A 43 -2.22 -14.80 8.05
CA GLN A 43 -2.25 -13.89 6.90
C GLN A 43 -1.23 -12.75 6.99
N VAL A 44 -0.18 -12.92 7.80
CA VAL A 44 0.85 -11.89 7.88
C VAL A 44 1.79 -12.04 6.69
N PHE A 45 2.04 -13.28 6.30
CA PHE A 45 2.95 -13.55 5.19
C PHE A 45 2.21 -14.15 3.99
N THR A 46 0.98 -13.69 3.75
CA THR A 46 0.17 -14.19 2.64
C THR A 46 0.90 -14.07 1.30
N TRP A 47 1.68 -13.03 1.15
CA TRP A 47 2.46 -12.83 -0.05
C TRP A 47 3.41 -14.00 -0.34
N THR A 48 3.90 -14.64 0.72
CA THR A 48 4.82 -15.78 0.54
C THR A 48 4.10 -17.06 0.10
N GLN A 49 2.79 -17.14 0.34
CA GLN A 49 2.01 -18.33 -0.02
C GLN A 49 1.33 -18.26 -1.38
N MET A 50 1.25 -17.07 -1.96
CA MET A 50 0.60 -16.89 -3.25
C MET A 50 1.36 -17.39 -4.47
N CYS A 51 2.69 -17.34 -4.41
CA CYS A 51 3.52 -17.81 -5.52
C CYS A 51 4.94 -18.12 -5.04
N ASP A 52 5.69 -18.82 -5.87
CA ASP A 52 7.05 -19.19 -5.55
C ASP A 52 7.92 -17.96 -5.67
N ILE A 53 8.98 -17.89 -4.88
CA ILE A 53 9.87 -16.74 -4.93
C ILE A 53 10.48 -16.58 -6.31
N LYS A 54 10.75 -17.70 -6.98
CA LYS A 54 11.35 -17.66 -8.30
C LYS A 54 10.38 -17.31 -9.43
N ASP A 55 9.10 -17.18 -9.10
CA ASP A 55 8.09 -16.82 -10.11
C ASP A 55 7.62 -15.36 -10.04
N VAL A 56 8.24 -14.59 -9.14
CA VAL A 56 7.95 -13.17 -8.94
C VAL A 56 8.44 -12.38 -10.17
N LYS A 57 7.53 -11.60 -10.76
CA LYS A 57 7.83 -10.82 -11.95
C LYS A 57 7.65 -9.31 -11.77
N VAL A 58 6.66 -8.93 -10.96
CA VAL A 58 6.34 -7.54 -10.70
C VAL A 58 6.28 -7.33 -9.20
N VAL A 59 6.77 -6.20 -8.72
CA VAL A 59 6.75 -5.89 -7.29
C VAL A 59 6.07 -4.54 -7.07
N ILE A 60 5.00 -4.53 -6.25
CA ILE A 60 4.30 -3.31 -5.91
C ILE A 60 4.51 -3.16 -4.40
N LEU A 61 5.06 -2.02 -3.99
CA LEU A 61 5.36 -1.78 -2.58
C LEU A 61 4.33 -0.87 -1.91
N GLY A 62 3.90 -1.28 -0.73
CA GLY A 62 2.94 -0.51 0.01
C GLY A 62 3.57 -0.05 1.31
N GLN A 63 2.72 0.36 2.25
CA GLN A 63 3.15 0.85 3.55
C GLN A 63 2.70 -0.13 4.64
N ASP A 64 1.79 0.27 5.52
CA ASP A 64 1.33 -0.64 6.56
C ASP A 64 -0.04 -1.18 6.18
N PRO A 65 -0.53 -2.20 6.88
CA PRO A 65 -1.84 -2.79 6.58
C PRO A 65 -3.04 -1.90 6.91
N TYR A 66 -4.19 -2.25 6.34
CA TYR A 66 -5.43 -1.52 6.59
C TYR A 66 -5.80 -1.75 8.04
N HIS A 67 -5.98 -0.68 8.80
CA HIS A 67 -6.29 -0.77 10.22
C HIS A 67 -7.75 -0.92 10.60
N GLY A 68 -8.51 -1.67 9.80
CA GLY A 68 -9.92 -1.86 10.07
C GLY A 68 -10.30 -3.29 9.86
N PRO A 69 -11.32 -3.79 10.56
CA PRO A 69 -11.80 -5.17 10.47
C PRO A 69 -12.18 -5.65 9.07
N ASN A 70 -11.79 -6.89 8.75
CA ASN A 70 -12.10 -7.52 7.47
C ASN A 70 -11.35 -7.00 6.25
N GLN A 71 -10.47 -6.02 6.42
CA GLN A 71 -9.74 -5.48 5.27
C GLN A 71 -8.43 -6.20 4.97
N ALA A 72 -7.39 -5.82 5.71
CA ALA A 72 -6.05 -6.35 5.54
C ALA A 72 -5.99 -7.85 5.67
N HIS A 73 -5.28 -8.47 4.72
CA HIS A 73 -5.07 -9.91 4.70
C HIS A 73 -3.69 -10.30 4.17
N GLY A 74 -2.71 -9.43 4.37
CA GLY A 74 -1.35 -9.75 3.96
C GLY A 74 -0.84 -9.42 2.57
N LEU A 75 -1.59 -8.57 1.86
CA LEU A 75 -1.21 -8.14 0.51
C LEU A 75 -1.47 -6.65 0.53
N CYS A 76 -0.56 -5.85 -0.02
CA CYS A 76 -0.75 -4.39 -0.03
C CYS A 76 -1.89 -4.06 -1.01
N PHE A 77 -2.64 -3.00 -0.70
CA PHE A 77 -3.76 -2.50 -1.51
C PHE A 77 -5.01 -3.40 -1.54
N SER A 78 -4.81 -4.69 -1.32
CA SER A 78 -5.90 -5.64 -1.34
C SER A 78 -6.74 -5.68 -0.07
N VAL A 79 -8.04 -5.88 -0.27
CA VAL A 79 -9.01 -6.01 0.81
C VAL A 79 -9.80 -7.27 0.48
N GLN A 80 -9.96 -8.15 1.45
CA GLN A 80 -10.68 -9.38 1.18
C GLN A 80 -12.18 -9.17 1.07
N ARG A 81 -12.83 -9.99 0.25
CA ARG A 81 -14.28 -9.90 0.06
C ARG A 81 -14.95 -10.01 1.43
N PRO A 82 -16.08 -9.31 1.65
CA PRO A 82 -16.85 -8.43 0.75
C PRO A 82 -16.49 -6.95 0.87
N VAL A 83 -15.38 -6.64 1.53
CA VAL A 83 -14.98 -5.26 1.71
C VAL A 83 -14.80 -4.55 0.38
N PRO A 84 -15.54 -3.45 0.19
CA PRO A 84 -15.47 -2.68 -1.04
C PRO A 84 -14.09 -2.04 -1.19
N PRO A 85 -13.64 -1.82 -2.43
CA PRO A 85 -12.32 -1.22 -2.67
C PRO A 85 -12.17 0.17 -2.04
N PRO A 86 -11.09 0.38 -1.28
CA PRO A 86 -10.77 1.65 -0.63
C PRO A 86 -10.39 2.65 -1.71
N PRO A 87 -10.53 3.95 -1.44
CA PRO A 87 -10.21 5.02 -2.41
C PRO A 87 -9.02 4.73 -3.34
N SER A 88 -7.84 4.48 -2.78
CA SER A 88 -6.66 4.19 -3.58
C SER A 88 -6.87 3.05 -4.59
N LEU A 89 -7.44 1.94 -4.15
CA LEU A 89 -7.65 0.80 -5.04
C LEU A 89 -8.60 1.12 -6.18
N GLU A 90 -9.65 1.90 -5.88
CA GLU A 90 -10.62 2.29 -6.89
C GLU A 90 -9.97 3.15 -7.98
N ASN A 91 -8.94 3.92 -7.60
CA ASN A 91 -8.22 4.74 -8.57
C ASN A 91 -7.29 3.88 -9.42
N ILE A 92 -6.76 2.81 -8.83
CA ILE A 92 -5.91 1.86 -9.55
C ILE A 92 -6.80 1.17 -10.59
N TYR A 93 -8.03 0.81 -10.18
CA TYR A 93 -8.99 0.16 -11.06
C TYR A 93 -9.39 1.12 -12.18
N LYS A 94 -9.54 2.40 -11.83
CA LYS A 94 -9.89 3.44 -12.78
C LYS A 94 -8.79 3.60 -13.83
N GLU A 95 -7.53 3.56 -13.39
CA GLU A 95 -6.40 3.66 -14.32
C GLU A 95 -6.34 2.44 -15.24
N LEU A 96 -6.42 1.25 -14.65
CA LEU A 96 -6.40 -0.01 -15.40
C LEU A 96 -7.50 -0.07 -16.46
N SER A 97 -8.67 0.48 -16.13
CA SER A 97 -9.82 0.49 -17.03
C SER A 97 -9.58 1.20 -18.37
N THR A 98 -8.67 2.16 -18.40
CA THR A 98 -8.38 2.85 -19.64
C THR A 98 -6.99 2.48 -20.16
N ASP A 99 -6.22 1.78 -19.33
CA ASP A 99 -4.87 1.37 -19.69
C ASP A 99 -4.90 0.00 -20.36
N ILE A 100 -5.59 -0.93 -19.74
CA ILE A 100 -5.70 -2.27 -20.28
C ILE A 100 -7.06 -2.48 -20.95
N GLU A 101 -7.02 -2.75 -22.25
CA GLU A 101 -8.21 -2.92 -23.07
C GLU A 101 -9.28 -3.87 -22.56
N ASP A 102 -8.91 -5.11 -22.26
CA ASP A 102 -9.88 -6.06 -21.79
C ASP A 102 -10.11 -6.05 -20.27
N PHE A 103 -9.78 -4.94 -19.62
CA PHE A 103 -9.99 -4.87 -18.18
C PHE A 103 -11.41 -4.49 -17.83
N VAL A 104 -11.90 -5.08 -16.75
CA VAL A 104 -13.25 -4.83 -16.24
C VAL A 104 -13.21 -4.84 -14.71
N HIS A 105 -13.76 -3.78 -14.10
CA HIS A 105 -13.80 -3.65 -12.63
C HIS A 105 -14.40 -4.94 -12.09
N PRO A 106 -13.62 -5.69 -11.28
CA PRO A 106 -14.11 -6.96 -10.72
C PRO A 106 -15.12 -6.88 -9.60
N GLY A 107 -15.64 -5.69 -9.35
CA GLY A 107 -16.57 -5.54 -8.26
C GLY A 107 -15.88 -5.60 -6.91
N HIS A 108 -14.99 -6.56 -6.71
CA HIS A 108 -14.28 -6.71 -5.43
C HIS A 108 -12.91 -6.00 -5.36
N GLY A 109 -12.24 -6.17 -4.22
CA GLY A 109 -10.93 -5.57 -4.04
C GLY A 109 -9.84 -6.57 -3.65
N ASP A 110 -10.13 -7.86 -3.83
CA ASP A 110 -9.19 -8.93 -3.52
C ASP A 110 -8.22 -9.13 -4.70
N LEU A 111 -6.94 -8.83 -4.46
CA LEU A 111 -5.90 -8.91 -5.48
C LEU A 111 -5.17 -10.24 -5.58
N SER A 112 -5.72 -11.28 -4.99
CA SER A 112 -5.09 -12.59 -5.04
C SER A 112 -4.88 -13.09 -6.45
N GLY A 113 -5.69 -12.60 -7.39
CA GLY A 113 -5.55 -13.02 -8.78
C GLY A 113 -4.21 -12.58 -9.36
N TRP A 114 -3.73 -11.43 -8.87
CA TRP A 114 -2.46 -10.86 -9.29
C TRP A 114 -1.31 -11.58 -8.60
N ALA A 115 -1.48 -11.80 -7.30
CA ALA A 115 -0.47 -12.48 -6.48
C ALA A 115 -0.08 -13.84 -7.04
N LYS A 116 -1.06 -14.59 -7.52
CA LYS A 116 -0.83 -15.90 -8.10
C LYS A 116 -0.06 -15.84 -9.42
N GLN A 117 -0.13 -14.69 -10.09
CA GLN A 117 0.56 -14.53 -11.36
C GLN A 117 2.01 -14.05 -11.22
N GLY A 118 2.46 -13.82 -9.99
CA GLY A 118 3.82 -13.36 -9.77
C GLY A 118 3.94 -11.89 -9.46
N VAL A 119 2.83 -11.26 -9.09
CA VAL A 119 2.83 -9.85 -8.73
C VAL A 119 2.94 -9.80 -7.20
N LEU A 120 4.13 -9.49 -6.70
CA LEU A 120 4.35 -9.40 -5.25
C LEU A 120 3.80 -8.09 -4.73
N LEU A 121 2.80 -8.18 -3.86
CA LEU A 121 2.18 -7.01 -3.28
C LEU A 121 2.74 -6.95 -1.87
N LEU A 122 3.88 -6.29 -1.72
CA LEU A 122 4.54 -6.23 -0.44
C LEU A 122 4.42 -4.92 0.33
N ASN A 123 3.97 -5.00 1.59
CA ASN A 123 3.87 -3.83 2.47
C ASN A 123 5.19 -3.70 3.20
N ALA A 124 5.56 -2.48 3.57
CA ALA A 124 6.82 -2.22 4.31
C ALA A 124 6.71 -2.68 5.78
N VAL A 125 5.54 -2.46 6.37
CA VAL A 125 5.27 -2.85 7.75
C VAL A 125 4.16 -3.88 7.61
N LEU A 126 4.36 -5.09 8.13
CA LEU A 126 3.37 -6.16 7.99
C LEU A 126 2.25 -6.30 9.00
N THR A 127 2.19 -5.42 9.98
CA THR A 127 1.11 -5.44 10.96
C THR A 127 0.79 -4.03 11.46
N VAL A 128 -0.40 -3.87 12.02
CA VAL A 128 -0.87 -2.60 12.56
C VAL A 128 -1.90 -2.93 13.64
N ARG A 129 -2.03 -2.06 14.64
CA ARG A 129 -3.03 -2.31 15.69
C ARG A 129 -4.32 -1.57 15.30
N ALA A 130 -5.40 -2.34 15.18
CA ALA A 130 -6.73 -1.88 14.79
C ALA A 130 -7.06 -0.42 15.12
N HIS A 131 -7.22 0.39 14.08
CA HIS A 131 -7.55 1.82 14.17
C HIS A 131 -6.42 2.82 14.34
N GLN A 132 -5.19 2.36 14.41
CA GLN A 132 -4.06 3.27 14.53
C GLN A 132 -3.09 3.07 13.36
N ALA A 133 -3.19 3.95 12.36
CA ALA A 133 -2.34 3.86 11.19
C ALA A 133 -0.88 4.11 11.55
N ASN A 134 0.01 3.39 10.87
CA ASN A 134 1.44 3.52 11.10
C ASN A 134 1.82 3.33 12.57
N SER A 135 1.05 2.50 13.28
CA SER A 135 1.29 2.24 14.70
C SER A 135 2.47 1.31 14.95
N HIS A 136 2.60 0.30 14.09
CA HIS A 136 3.68 -0.66 14.25
C HIS A 136 4.93 -0.39 13.45
N LYS A 137 5.20 0.87 13.18
CA LYS A 137 6.40 1.23 12.44
C LYS A 137 7.53 1.24 13.45
N GLU A 138 8.78 1.35 12.96
CA GLU A 138 9.96 1.36 13.83
C GLU A 138 10.04 0.17 14.80
N ARG A 139 9.53 -0.99 14.39
CA ARG A 139 9.58 -2.17 15.24
C ARG A 139 10.41 -3.30 14.64
N GLY A 140 10.97 -3.07 13.46
CA GLY A 140 11.80 -4.09 12.82
C GLY A 140 11.30 -4.55 11.46
N TRP A 141 10.00 -4.41 11.21
CA TRP A 141 9.39 -4.83 9.95
C TRP A 141 10.03 -4.25 8.69
N GLU A 142 10.28 -2.94 8.71
CA GLU A 142 10.91 -2.23 7.59
C GLU A 142 12.27 -2.81 7.23
N GLN A 143 13.00 -3.25 8.25
CA GLN A 143 14.32 -3.85 8.04
C GLN A 143 14.13 -5.23 7.39
N PHE A 144 13.12 -5.97 7.85
CA PHE A 144 12.84 -7.27 7.29
C PHE A 144 12.41 -7.14 5.84
N THR A 145 11.47 -6.22 5.56
CA THR A 145 11.02 -6.01 4.18
C THR A 145 12.14 -5.45 3.30
N ASP A 146 13.10 -4.77 3.91
CA ASP A 146 14.26 -4.24 3.20
C ASP A 146 15.04 -5.44 2.69
N ALA A 147 15.17 -6.44 3.56
CA ALA A 147 15.90 -7.67 3.23
C ALA A 147 15.23 -8.39 2.08
N VAL A 148 13.90 -8.41 2.11
CA VAL A 148 13.15 -9.06 1.05
C VAL A 148 13.46 -8.33 -0.26
N VAL A 149 13.32 -7.01 -0.27
CA VAL A 149 13.60 -6.20 -1.47
C VAL A 149 15.06 -6.41 -1.93
N SER A 150 15.97 -6.43 -0.97
CA SER A 150 17.38 -6.63 -1.23
C SER A 150 17.64 -7.98 -1.92
N TRP A 151 17.09 -9.06 -1.37
CA TRP A 151 17.27 -10.38 -1.97
C TRP A 151 16.78 -10.41 -3.43
N LEU A 152 15.60 -9.86 -3.68
CA LEU A 152 15.04 -9.83 -5.03
C LEU A 152 15.90 -9.01 -5.96
N ASN A 153 16.46 -7.92 -5.44
CA ASN A 153 17.32 -7.05 -6.22
C ASN A 153 18.58 -7.77 -6.72
N GLN A 154 19.19 -8.54 -5.83
CA GLN A 154 20.42 -9.26 -6.15
C GLN A 154 20.23 -10.59 -6.88
N ASN A 155 19.26 -11.38 -6.41
CA ASN A 155 19.05 -12.70 -6.99
C ASN A 155 18.04 -12.88 -8.10
N SER A 156 17.40 -11.80 -8.53
CA SER A 156 16.44 -11.93 -9.59
C SER A 156 16.87 -11.00 -10.69
N ASN A 157 16.26 -11.15 -11.85
CA ASN A 157 16.61 -10.31 -12.97
C ASN A 157 15.44 -9.89 -13.85
N GLY A 158 15.45 -8.62 -14.24
CA GLY A 158 14.40 -8.09 -15.09
C GLY A 158 13.06 -7.88 -14.43
N LEU A 159 13.01 -7.86 -13.11
CA LEU A 159 11.74 -7.63 -12.46
C LEU A 159 11.32 -6.21 -12.73
N VAL A 160 10.03 -5.94 -12.59
CA VAL A 160 9.50 -4.61 -12.77
C VAL A 160 9.01 -4.15 -11.39
N PHE A 161 9.55 -3.04 -10.90
CA PHE A 161 9.13 -2.50 -9.61
C PHE A 161 8.24 -1.29 -9.87
N LEU A 162 7.05 -1.28 -9.26
CA LEU A 162 6.12 -0.17 -9.42
C LEU A 162 6.09 0.58 -8.10
N LEU A 163 6.69 1.76 -8.07
CA LEU A 163 6.77 2.57 -6.88
C LEU A 163 5.88 3.81 -6.97
N TRP A 164 4.79 3.81 -6.22
CA TRP A 164 3.85 4.91 -6.22
C TRP A 164 3.93 5.74 -4.94
N GLY A 165 4.35 6.98 -5.05
CA GLY A 165 4.47 7.82 -3.88
C GLY A 165 5.91 7.86 -3.41
N SER A 166 6.25 8.89 -2.65
CA SER A 166 7.61 9.08 -2.14
C SER A 166 8.07 8.04 -1.13
N TYR A 167 7.17 7.57 -0.27
CA TYR A 167 7.56 6.56 0.70
C TYR A 167 8.06 5.31 -0.05
N ALA A 168 7.23 4.80 -0.96
CA ALA A 168 7.58 3.61 -1.73
C ALA A 168 8.83 3.84 -2.54
N GLN A 169 8.93 5.03 -3.13
CA GLN A 169 10.08 5.37 -3.95
C GLN A 169 11.38 5.38 -3.15
N LYS A 170 11.29 5.71 -1.87
CA LYS A 170 12.48 5.72 -1.02
C LYS A 170 12.88 4.28 -0.69
N LYS A 171 11.90 3.45 -0.38
CA LYS A 171 12.17 2.05 -0.06
C LYS A 171 12.83 1.35 -1.24
N GLY A 172 12.57 1.85 -2.45
CA GLY A 172 13.16 1.25 -3.62
C GLY A 172 14.34 2.00 -4.22
N SER A 173 14.94 2.89 -3.45
CA SER A 173 16.07 3.68 -3.92
C SER A 173 17.28 2.85 -4.35
N ALA A 174 17.54 1.77 -3.62
CA ALA A 174 18.67 0.89 -3.87
C ALA A 174 18.51 -0.12 -5.01
N ILE A 175 17.35 -0.15 -5.65
CA ILE A 175 17.15 -1.10 -6.73
C ILE A 175 17.97 -0.72 -7.94
N ASP A 176 18.66 -1.72 -8.48
CA ASP A 176 19.52 -1.57 -9.66
C ASP A 176 18.68 -1.40 -10.90
N ARG A 177 18.64 -0.17 -11.39
CA ARG A 177 17.87 0.18 -12.56
C ARG A 177 18.42 -0.39 -13.87
N LYS A 178 19.64 -0.93 -13.82
CA LYS A 178 20.26 -1.53 -14.99
C LYS A 178 19.92 -3.01 -15.04
N ARG A 179 19.57 -3.58 -13.89
CA ARG A 179 19.20 -4.99 -13.80
C ARG A 179 17.67 -5.16 -13.77
N HIS A 180 16.95 -4.14 -13.28
CA HIS A 180 15.50 -4.20 -13.19
C HIS A 180 14.88 -2.95 -13.76
N HIS A 181 13.58 -3.02 -14.02
CA HIS A 181 12.84 -1.89 -14.56
C HIS A 181 12.09 -1.30 -13.40
N VAL A 182 12.24 0.00 -13.19
CA VAL A 182 11.53 0.67 -12.12
C VAL A 182 10.63 1.73 -12.75
N LEU A 183 9.39 1.80 -12.27
CA LEU A 183 8.46 2.78 -12.76
C LEU A 183 7.91 3.47 -11.54
N GLN A 184 7.96 4.80 -11.54
CA GLN A 184 7.45 5.54 -10.41
C GLN A 184 6.62 6.76 -10.79
N THR A 185 5.62 7.04 -9.98
CA THR A 185 4.73 8.17 -10.19
C THR A 185 4.06 8.46 -8.83
N ALA A 186 3.12 9.39 -8.82
CA ALA A 186 2.40 9.76 -7.61
C ALA A 186 1.54 8.60 -7.09
N HIS A 187 1.19 8.65 -5.82
CA HIS A 187 0.39 7.60 -5.15
C HIS A 187 -1.06 7.69 -5.66
N PRO A 188 -1.76 6.53 -5.79
CA PRO A 188 -3.16 6.52 -6.27
C PRO A 188 -4.21 7.14 -5.32
N SER A 189 -3.77 7.67 -4.20
CA SER A 189 -4.67 8.29 -3.24
C SER A 189 -5.33 9.50 -3.89
N PRO A 190 -6.62 9.73 -3.61
CA PRO A 190 -7.31 10.88 -4.18
C PRO A 190 -6.50 12.18 -4.05
N LEU A 191 -5.73 12.31 -2.98
CA LEU A 191 -4.96 13.54 -2.83
C LEU A 191 -3.94 13.71 -3.95
N SER A 192 -3.21 12.67 -4.32
CA SER A 192 -2.19 12.78 -5.36
C SER A 192 -2.51 12.11 -6.69
N VAL A 193 -3.68 11.52 -6.81
CA VAL A 193 -4.05 10.81 -8.01
C VAL A 193 -3.92 11.63 -9.28
N TYR A 194 -4.25 12.91 -9.23
CA TYR A 194 -4.16 13.76 -10.40
C TYR A 194 -2.75 14.32 -10.63
N ARG A 195 -1.85 14.02 -9.71
CA ARG A 195 -0.47 14.49 -9.80
C ARG A 195 0.41 13.61 -10.69
N GLY A 196 -0.18 12.60 -11.33
CA GLY A 196 0.62 11.74 -12.18
C GLY A 196 0.17 10.31 -12.32
N PHE A 197 -0.50 9.77 -11.31
CA PHE A 197 -0.95 8.38 -11.40
C PHE A 197 -1.89 8.18 -12.59
N PHE A 198 -2.97 8.96 -12.65
CA PHE A 198 -3.93 8.89 -13.76
C PHE A 198 -3.21 9.25 -15.05
N GLY A 199 -3.10 8.28 -15.94
CA GLY A 199 -2.43 8.51 -17.20
C GLY A 199 -1.05 7.86 -17.20
N CYS A 200 -0.61 7.30 -16.08
CA CYS A 200 0.72 6.70 -16.02
C CYS A 200 0.88 5.44 -16.87
N ARG A 201 -0.23 4.74 -17.11
CA ARG A 201 -0.22 3.53 -17.93
C ARG A 201 0.84 2.51 -17.50
N HIS A 202 1.06 2.37 -16.20
CA HIS A 202 2.07 1.44 -15.69
C HIS A 202 1.80 -0.02 -15.97
N PHE A 203 0.53 -0.36 -16.14
CA PHE A 203 0.12 -1.73 -16.35
C PHE A 203 0.40 -2.23 -17.75
N SER A 204 0.19 -1.37 -18.73
CA SER A 204 0.48 -1.72 -20.11
C SER A 204 1.99 -1.78 -20.24
N LYS A 205 2.67 -0.77 -19.72
CA LYS A 205 4.13 -0.69 -19.78
C LYS A 205 4.81 -1.88 -19.10
N THR A 206 4.27 -2.30 -17.96
CA THR A 206 4.82 -3.45 -17.23
C THR A 206 4.80 -4.69 -18.12
N ASN A 207 3.70 -4.90 -18.81
CA ASN A 207 3.55 -6.05 -19.69
C ASN A 207 4.47 -5.98 -20.90
N GLU A 208 4.74 -4.76 -21.37
CA GLU A 208 5.64 -4.56 -22.50
C GLU A 208 7.04 -5.01 -22.10
N LEU A 209 7.52 -4.48 -20.97
CA LEU A 209 8.84 -4.81 -20.45
C LEU A 209 8.97 -6.31 -20.20
N LEU A 210 7.90 -6.94 -19.70
CA LEU A 210 7.91 -8.37 -19.43
C LEU A 210 8.11 -9.16 -20.72
N GLN A 211 7.23 -8.93 -21.69
CA GLN A 211 7.28 -9.62 -22.98
C GLN A 211 8.65 -9.47 -23.64
N LYS A 212 9.19 -8.26 -23.58
CA LYS A 212 10.50 -7.95 -24.13
C LYS A 212 11.55 -8.78 -23.40
N SER A 213 11.34 -9.01 -22.10
CA SER A 213 12.26 -9.80 -21.29
C SER A 213 12.06 -11.30 -21.50
N GLY A 214 11.01 -11.68 -22.22
CA GLY A 214 10.73 -13.09 -22.48
C GLY A 214 9.91 -13.77 -21.41
N LYS A 215 9.11 -13.00 -20.68
CA LYS A 215 8.25 -13.55 -19.63
C LYS A 215 6.80 -13.26 -19.98
N LYS A 216 5.89 -14.11 -19.53
CA LYS A 216 4.46 -13.94 -19.79
C LYS A 216 3.91 -12.71 -19.11
N PRO A 217 3.16 -11.87 -19.85
CA PRO A 217 2.58 -10.66 -19.28
C PRO A 217 1.58 -11.01 -18.19
N ILE A 218 1.18 -10.03 -17.41
CA ILE A 218 0.22 -10.24 -16.35
C ILE A 218 -1.16 -10.02 -16.94
N ASP A 219 -2.10 -10.90 -16.64
CA ASP A 219 -3.46 -10.73 -17.11
C ASP A 219 -4.12 -9.95 -15.96
N TRP A 220 -4.07 -8.63 -16.07
CA TRP A 220 -4.61 -7.74 -15.05
C TRP A 220 -6.09 -7.93 -14.75
N LYS A 221 -6.86 -8.43 -15.71
CA LYS A 221 -8.28 -8.63 -15.49
C LYS A 221 -8.55 -9.91 -14.67
N GLU A 222 -7.55 -10.78 -14.54
CA GLU A 222 -7.71 -12.04 -13.81
C GLU A 222 -7.71 -11.80 -12.29
N LEU A 223 -8.86 -11.32 -11.79
CA LEU A 223 -9.07 -10.99 -10.39
C LEU A 223 -10.26 -11.72 -9.77
N ASN B 1 -11.56 10.35 18.57
CA ASN B 1 -10.82 9.61 17.51
C ASN B 1 -10.78 10.56 16.30
N LEU B 2 -10.13 10.15 15.21
CA LEU B 2 -10.06 10.98 14.02
C LEU B 2 -11.38 11.03 13.25
N SER B 3 -12.19 9.99 13.37
CA SER B 3 -13.48 9.91 12.68
C SER B 3 -14.46 10.97 13.20
N ASP B 4 -14.56 11.09 14.52
CA ASP B 4 -15.45 12.08 15.14
C ASP B 4 -14.95 13.49 14.86
N ILE B 5 -13.66 13.60 14.53
CA ILE B 5 -13.06 14.87 14.18
C ILE B 5 -13.64 15.24 12.82
N ILE B 6 -13.81 14.24 11.97
CA ILE B 6 -14.38 14.43 10.64
C ILE B 6 -15.88 14.74 10.72
N GLU B 7 -16.61 13.95 11.53
CA GLU B 7 -18.04 14.16 11.75
C GLU B 7 -18.28 15.56 12.30
N LYS B 8 -17.35 16.03 13.13
CA LYS B 8 -17.44 17.35 13.72
C LYS B 8 -17.43 18.44 12.66
N GLU B 9 -16.45 18.34 11.75
CA GLU B 9 -16.29 19.30 10.65
C GLU B 9 -17.22 19.15 9.44
N THR B 10 -17.87 17.99 9.29
CA THR B 10 -18.77 17.78 8.16
C THR B 10 -20.23 17.52 8.55
N GLY B 11 -20.41 16.95 9.73
CA GLY B 11 -21.74 16.63 10.21
C GLY B 11 -22.10 15.24 9.74
N LYS B 12 -21.18 14.59 9.02
CA LYS B 12 -21.42 13.26 8.54
C LYS B 12 -20.40 12.34 9.18
N GLN B 13 -20.90 11.22 9.66
CA GLN B 13 -20.10 10.19 10.29
C GLN B 13 -19.47 9.35 9.17
N LEU B 14 -18.19 9.54 8.95
CA LEU B 14 -17.50 8.80 7.89
C LEU B 14 -16.56 7.72 8.39
N VAL B 15 -16.42 6.67 7.60
CA VAL B 15 -15.56 5.52 7.91
C VAL B 15 -14.24 5.69 7.17
N ILE B 16 -13.13 5.67 7.91
CA ILE B 16 -11.81 5.78 7.30
C ILE B 16 -11.47 4.46 6.63
N GLN B 17 -11.32 4.49 5.31
CA GLN B 17 -11.01 3.30 4.53
C GLN B 17 -9.51 3.05 4.42
N GLU B 18 -8.72 4.11 4.57
CA GLU B 18 -7.26 4.01 4.45
C GLU B 18 -6.58 5.27 5.02
N SER B 19 -5.29 5.13 5.32
CA SER B 19 -4.46 6.23 5.82
C SER B 19 -3.13 6.06 5.09
N ILE B 20 -2.84 6.99 4.20
CA ILE B 20 -1.63 6.93 3.40
C ILE B 20 -0.60 7.97 3.86
N LEU B 21 0.59 7.50 4.20
CA LEU B 21 1.67 8.38 4.64
C LEU B 21 2.32 9.07 3.46
N MET B 22 2.52 10.38 3.57
CA MET B 22 3.16 11.15 2.51
C MET B 22 4.17 12.13 3.07
N LEU B 23 5.19 12.42 2.28
CA LEU B 23 6.26 13.33 2.68
C LEU B 23 5.85 14.78 2.51
N PRO B 24 6.31 15.66 3.40
CA PRO B 24 5.99 17.09 3.37
C PRO B 24 5.94 17.77 2.00
N GLU B 25 6.98 17.65 1.18
CA GLU B 25 6.97 18.28 -0.14
C GLU B 25 6.04 17.59 -1.12
N GLU B 26 5.77 16.32 -0.87
CA GLU B 26 4.85 15.54 -1.69
C GLU B 26 3.48 16.18 -1.46
N VAL B 27 3.22 16.52 -0.20
CA VAL B 27 2.00 17.15 0.25
C VAL B 27 1.96 18.63 -0.19
N GLU B 28 3.09 19.32 -0.06
CA GLU B 28 3.19 20.71 -0.44
C GLU B 28 2.70 20.90 -1.88
N GLU B 29 3.27 20.12 -2.79
CA GLU B 29 2.90 20.18 -4.20
C GLU B 29 1.41 20.07 -4.44
N VAL B 30 0.71 19.43 -3.52
CA VAL B 30 -0.72 19.26 -3.66
C VAL B 30 -1.52 20.30 -2.88
N ILE B 31 -1.16 20.50 -1.62
CA ILE B 31 -1.83 21.44 -0.71
C ILE B 31 -1.50 22.93 -0.93
N GLY B 32 -0.27 23.23 -1.33
CA GLY B 32 0.10 24.62 -1.53
C GLY B 32 0.87 25.18 -0.34
N ASN B 33 0.72 24.54 0.81
CA ASN B 33 1.41 24.93 2.05
C ASN B 33 2.20 23.71 2.49
N LYS B 34 3.50 23.89 2.67
CA LYS B 34 4.34 22.78 3.07
C LYS B 34 4.24 22.39 4.54
N PRO B 35 3.72 21.18 4.82
CA PRO B 35 3.60 20.73 6.21
C PRO B 35 5.03 20.56 6.69
N GLU B 36 5.25 20.65 7.99
CA GLU B 36 6.59 20.53 8.52
C GLU B 36 7.01 19.07 8.72
N SER B 37 6.03 18.19 8.88
CA SER B 37 6.26 16.77 9.12
C SER B 37 5.52 15.88 8.10
N ASP B 38 5.73 14.56 8.21
CA ASP B 38 5.08 13.58 7.36
C ASP B 38 3.59 13.55 7.63
N ILE B 39 2.81 13.60 6.56
CA ILE B 39 1.35 13.63 6.67
C ILE B 39 0.68 12.30 6.38
N LEU B 40 -0.26 11.95 7.26
CA LEU B 40 -1.03 10.74 7.11
C LEU B 40 -2.37 11.19 6.53
N VAL B 41 -2.64 10.79 5.30
CA VAL B 41 -3.87 11.14 4.62
C VAL B 41 -4.93 10.10 4.90
N HIS B 42 -5.73 10.37 5.92
CA HIS B 42 -6.83 9.49 6.33
C HIS B 42 -7.99 9.79 5.40
N THR B 43 -8.35 8.82 4.56
CA THR B 43 -9.42 9.00 3.59
C THR B 43 -10.65 8.13 3.82
N ALA B 44 -11.81 8.76 3.69
CA ALA B 44 -13.10 8.09 3.82
C ALA B 44 -13.86 8.56 2.59
N TYR B 45 -14.82 7.77 2.11
CA TYR B 45 -15.56 8.19 0.92
C TYR B 45 -17.04 8.39 1.21
N ASP B 46 -17.54 9.59 0.93
CA ASP B 46 -18.95 9.87 1.13
C ASP B 46 -19.72 9.54 -0.14
N GLU B 47 -20.45 8.44 -0.09
CA GLU B 47 -21.26 7.99 -1.22
C GLU B 47 -22.37 9.02 -1.45
N SER B 48 -22.94 9.50 -0.35
CA SER B 48 -24.01 10.48 -0.36
C SER B 48 -23.69 11.66 -1.24
N THR B 49 -22.55 12.29 -1.00
CA THR B 49 -22.14 13.44 -1.79
C THR B 49 -21.18 13.10 -2.93
N ASP B 50 -20.69 11.86 -2.94
CA ASP B 50 -19.73 11.36 -3.94
C ASP B 50 -18.42 12.11 -3.75
N GLU B 51 -18.08 12.35 -2.48
CA GLU B 51 -16.88 13.09 -2.15
C GLU B 51 -15.86 12.29 -1.37
N ASN B 52 -14.60 12.57 -1.64
CA ASN B 52 -13.50 11.93 -0.95
C ASN B 52 -13.13 12.92 0.14
N VAL B 53 -13.38 12.54 1.39
CA VAL B 53 -13.08 13.37 2.55
C VAL B 53 -11.75 12.87 3.13
N MET B 54 -10.77 13.75 3.24
CA MET B 54 -9.47 13.37 3.76
C MET B 54 -9.01 14.22 4.93
N LEU B 55 -8.79 13.58 6.06
CA LEU B 55 -8.31 14.26 7.24
C LEU B 55 -6.80 14.03 7.27
N LEU B 56 -6.04 15.10 7.09
CA LEU B 56 -4.58 15.03 7.09
C LEU B 56 -4.02 15.37 8.48
N THR B 57 -3.31 14.42 9.07
CA THR B 57 -2.74 14.66 10.39
C THR B 57 -1.24 14.44 10.28
N SER B 58 -0.57 14.54 11.43
CA SER B 58 0.86 14.30 11.48
C SER B 58 1.03 12.80 11.67
N ASP B 59 2.26 12.32 11.53
CA ASP B 59 2.55 10.89 11.66
C ASP B 59 2.23 10.38 13.07
N ALA B 60 2.04 9.07 13.17
CA ALA B 60 1.77 8.41 14.44
C ALA B 60 2.90 8.72 15.42
N PRO B 61 2.61 8.73 16.72
CA PRO B 61 1.28 8.44 17.28
C PRO B 61 0.53 9.67 17.82
N GLU B 62 1.01 10.87 17.53
CA GLU B 62 0.34 12.08 18.01
C GLU B 62 -0.88 12.38 17.16
N TYR B 63 -0.69 12.35 15.84
CA TYR B 63 -1.75 12.62 14.87
C TYR B 63 -2.38 14.00 15.05
N LYS B 64 -1.56 15.05 15.12
CA LYS B 64 -2.09 16.40 15.26
C LYS B 64 -2.66 16.89 13.93
N PRO B 65 -3.96 17.24 13.91
CA PRO B 65 -4.64 17.73 12.71
C PRO B 65 -3.91 18.87 12.06
N TRP B 66 -3.87 18.84 10.73
CA TRP B 66 -3.19 19.85 9.95
C TRP B 66 -4.10 20.44 8.87
N ALA B 67 -4.99 19.62 8.30
CA ALA B 67 -5.91 20.07 7.25
C ALA B 67 -7.02 19.08 6.91
N LEU B 68 -8.13 19.60 6.39
CA LEU B 68 -9.23 18.75 5.96
C LEU B 68 -9.39 19.06 4.48
N VAL B 69 -9.27 18.04 3.64
CA VAL B 69 -9.38 18.23 2.21
C VAL B 69 -10.57 17.46 1.66
N ILE B 70 -11.42 18.16 0.91
CA ILE B 70 -12.60 17.57 0.31
C ILE B 70 -12.48 17.61 -1.21
N GLN B 71 -12.61 16.45 -1.83
CA GLN B 71 -12.52 16.36 -3.28
C GLN B 71 -13.87 15.94 -3.83
N ASP B 72 -14.35 16.68 -4.83
CA ASP B 72 -15.64 16.43 -5.46
C ASP B 72 -15.48 15.63 -6.76
N SER B 73 -16.58 15.20 -7.35
CA SER B 73 -16.55 14.40 -8.58
C SER B 73 -15.70 14.97 -9.70
N ASN B 74 -15.78 16.28 -9.93
CA ASN B 74 -14.97 16.87 -11.00
C ASN B 74 -13.47 16.99 -10.69
N GLY B 75 -13.05 16.32 -9.61
CA GLY B 75 -11.65 16.31 -9.23
C GLY B 75 -11.08 17.56 -8.59
N GLU B 76 -11.95 18.37 -7.98
CA GLU B 76 -11.54 19.61 -7.35
C GLU B 76 -11.30 19.39 -5.85
N ASN B 77 -10.15 19.87 -5.39
CA ASN B 77 -9.77 19.76 -3.98
C ASN B 77 -10.17 21.02 -3.20
N LYS B 78 -10.79 20.81 -2.04
CA LYS B 78 -11.24 21.91 -1.20
C LYS B 78 -10.56 21.81 0.18
N ILE B 79 -9.43 22.50 0.26
CA ILE B 79 -8.58 22.55 1.45
C ILE B 79 -9.17 23.39 2.57
N LYS B 80 -9.00 22.96 3.81
CA LYS B 80 -9.49 23.70 4.96
C LYS B 80 -8.54 23.42 6.12
N MET B 81 -7.53 24.27 6.24
CA MET B 81 -6.52 24.14 7.28
C MET B 81 -7.13 24.19 8.68
N LEU B 82 -6.55 23.39 9.56
CA LEU B 82 -7.01 23.30 10.94
C LEU B 82 -5.89 23.88 11.81
#